data_5V2P
#
_entry.id   5V2P
#
_cell.length_a   81.805
_cell.length_b   81.805
_cell.length_c   163.271
_cell.angle_alpha   90.00
_cell.angle_beta   90.00
_cell.angle_gamma   120.00
#
_symmetry.space_group_name_H-M   'H 3'
#
loop_
_entity.id
_entity.type
_entity.pdbx_description
1 polymer 'Voltage-dependent L-type calcium channel subunit beta-2'
2 polymer 'Voltage-dependent L-type calcium channel subunit alpha-1C'
3 non-polymer 'NICKEL (II) ION'
4 non-polymer 'PENTAETHYLENE GLYCOL'
5 non-polymer 1,3-bis(bromomethyl)benzene
6 water water
#
loop_
_entity_poly.entity_id
_entity_poly.type
_entity_poly.pdbx_seq_one_letter_code
_entity_poly.pdbx_strand_id
1 'polypeptide(L)'
;GSADSYTSRPSDSDVSSLEEDREAVRREAERQAQAQLEKAKTKPVAFAVRTNVRYSAAQEDDVPVPGMAISFEAKDFLHV
KEKFNNDWWIGRLVKEGCEIGFIPSPVKLENMRLQHEQRAKQGSSKEKRMPFFKKTEHTPPYDVVPSMRPVVLVGPSLKG
YEVTDMMQKALFDFLKHRFEGRISITRVTADISLAKRSVLNNPSKHAIIERSNTRSSLAEVQSEIERIFELARTLQLVVL
DADTINHPAQLSKTSLAPIIVYVKISSPKVLQRLIKSRGKSQAKHLNVQMVAADKLAQCPPQESFDVILDENQLEDACEH
LADYLEAYWKATHPPSSNLPNPLLSRT
;
A
2 'polypeptide(L)' CSPLECDLKGYLDWITQAE B
#
# COMPACT_ATOMS: atom_id res chain seq x y z
N SER A 16 -6.91 -52.38 -12.91
CA SER A 16 -5.40 -52.41 -12.99
C SER A 16 -4.88 -51.39 -14.01
N SER A 17 -5.10 -51.69 -15.29
CA SER A 17 -4.75 -50.77 -16.40
C SER A 17 -5.73 -49.59 -16.53
N LEU A 18 -6.77 -49.56 -15.67
CA LEU A 18 -7.68 -48.41 -15.58
C LEU A 18 -7.35 -47.48 -14.40
N GLU A 19 -6.58 -47.98 -13.43
CA GLU A 19 -5.98 -47.13 -12.39
C GLU A 19 -4.87 -46.25 -13.01
N GLU A 20 -4.16 -46.80 -13.99
CA GLU A 20 -3.16 -46.05 -14.76
C GLU A 20 -3.82 -45.08 -15.75
N ASP A 21 -5.09 -45.28 -16.06
CA ASP A 21 -5.91 -44.31 -16.83
C ASP A 21 -6.33 -43.15 -15.96
N ARG A 22 -6.64 -43.41 -14.69
CA ARG A 22 -6.94 -42.36 -13.69
C ARG A 22 -5.74 -41.44 -13.44
N GLU A 23 -4.55 -42.03 -13.28
CA GLU A 23 -3.33 -41.24 -13.09
C GLU A 23 -3.02 -40.38 -14.31
N ALA A 24 -3.16 -40.94 -15.50
CA ALA A 24 -2.92 -40.20 -16.73
C ALA A 24 -3.86 -39.00 -16.87
N VAL A 25 -5.09 -39.12 -16.36
CA VAL A 25 -6.07 -38.03 -16.34
C VAL A 25 -5.61 -36.91 -15.41
N ARG A 26 -5.23 -37.28 -14.20
CA ARG A 26 -4.72 -36.31 -13.23
C ARG A 26 -3.54 -35.52 -13.79
N ARG A 27 -2.58 -36.22 -14.39
CA ARG A 27 -1.36 -35.55 -14.79
C ARG A 27 -1.43 -34.81 -16.13
N GLU A 28 -2.39 -35.15 -17.00
CA GLU A 28 -2.64 -34.28 -18.14
C GLU A 28 -3.25 -32.98 -17.63
N ALA A 29 -4.20 -33.08 -16.71
CA ALA A 29 -4.75 -31.89 -16.07
C ALA A 29 -3.67 -31.01 -15.42
N GLU A 30 -2.69 -31.63 -14.76
CA GLU A 30 -1.59 -30.89 -14.11
C GLU A 30 -0.66 -30.25 -15.11
N ARG A 31 -0.41 -30.94 -16.21
CA ARG A 31 0.44 -30.42 -17.28
C ARG A 31 -0.18 -29.20 -17.92
N GLN A 32 -1.48 -29.26 -18.17
CA GLN A 32 -2.19 -28.12 -18.76
C GLN A 32 -2.20 -26.91 -17.81
N ALA A 33 -2.49 -27.13 -16.52
CA ALA A 33 -2.45 -26.04 -15.52
C ALA A 33 -1.06 -25.43 -15.41
N GLN A 34 -0.05 -26.29 -15.43
CA GLN A 34 1.35 -25.87 -15.42
C GLN A 34 1.65 -24.99 -16.64
N ALA A 35 1.25 -25.45 -17.83
CA ALA A 35 1.43 -24.67 -19.04
C ALA A 35 0.81 -23.29 -18.93
N GLN A 36 -0.42 -23.22 -18.43
CA GLN A 36 -1.10 -21.92 -18.26
C GLN A 36 -0.35 -21.04 -17.25
N LEU A 37 0.19 -21.66 -16.21
CA LEU A 37 1.01 -20.97 -15.22
C LEU A 37 2.28 -20.39 -15.87
N GLU A 38 2.97 -21.19 -16.69
CA GLU A 38 4.19 -20.70 -17.38
C GLU A 38 3.84 -19.47 -18.24
N LYS A 39 2.74 -19.55 -18.98
CA LYS A 39 2.31 -18.46 -19.85
C LYS A 39 1.98 -17.18 -19.10
N ALA A 40 1.37 -17.33 -17.92
CA ALA A 40 0.98 -16.19 -17.11
C ALA A 40 2.17 -15.39 -16.57
N LYS A 41 3.34 -15.99 -16.51
CA LYS A 41 4.54 -15.28 -16.05
C LYS A 41 4.71 -13.89 -16.69
N THR A 42 4.49 -13.78 -17.99
CA THR A 42 4.68 -12.52 -18.72
C THR A 42 3.41 -11.68 -18.97
N LYS A 43 2.24 -12.22 -18.59
CA LYS A 43 1.00 -11.45 -18.64
C LYS A 43 1.04 -10.30 -17.64
N PRO A 44 0.27 -9.24 -17.91
CA PRO A 44 0.17 -8.11 -17.00
C PRO A 44 -0.65 -8.43 -15.74
N VAL A 45 -0.52 -7.59 -14.71
CA VAL A 45 -1.32 -7.71 -13.50
C VAL A 45 -2.69 -7.09 -13.75
N ALA A 46 -3.75 -7.84 -13.47
CA ALA A 46 -5.12 -7.38 -13.75
C ALA A 46 -5.66 -6.55 -12.60
N PHE A 47 -5.48 -7.04 -11.38
CA PHE A 47 -5.88 -6.31 -10.18
C PHE A 47 -5.11 -6.88 -8.98
N ALA A 48 -5.25 -6.21 -7.83
CA ALA A 48 -4.61 -6.62 -6.59
C ALA A 48 -5.65 -6.83 -5.52
N VAL A 49 -5.34 -7.69 -4.55
CA VAL A 49 -6.14 -7.79 -3.34
C VAL A 49 -5.30 -7.68 -2.05
N ARG A 50 -5.93 -7.14 -1.01
CA ARG A 50 -5.41 -7.22 0.35
C ARG A 50 -6.19 -8.32 1.07
N THR A 51 -5.48 -9.27 1.69
CA THR A 51 -6.12 -10.42 2.35
C THR A 51 -6.67 -10.04 3.73
N ASN A 52 -7.90 -10.46 4.00
CA ASN A 52 -8.51 -10.27 5.33
C ASN A 52 -8.37 -11.54 6.18
N VAL A 53 -7.87 -12.61 5.57
CA VAL A 53 -7.72 -13.89 6.25
C VAL A 53 -6.37 -14.49 5.91
N ARG A 54 -6.04 -15.57 6.59
CA ARG A 54 -4.83 -16.32 6.28
C ARG A 54 -5.21 -17.57 5.49
N TYR A 55 -4.24 -18.15 4.81
CA TYR A 55 -4.44 -19.38 4.08
C TYR A 55 -3.14 -20.15 4.01
N SER A 56 -3.19 -21.41 4.39
CA SER A 56 -2.08 -22.34 4.24
C SER A 56 -2.50 -23.50 3.35
N ALA A 57 -1.83 -23.64 2.21
CA ALA A 57 -2.12 -24.72 1.28
C ALA A 57 -2.05 -26.08 1.98
N ALA A 58 -2.91 -27.00 1.54
CA ALA A 58 -3.01 -28.35 2.10
C ALA A 58 -3.43 -29.32 0.99
N GLN A 59 -2.92 -30.54 1.05
CA GLN A 59 -3.14 -31.53 -0.01
C GLN A 59 -4.62 -31.61 -0.43
N GLU A 60 -5.49 -31.53 0.57
CA GLU A 60 -6.93 -31.71 0.38
C GLU A 60 -7.58 -30.63 -0.49
N ASP A 61 -6.94 -29.46 -0.59
CA ASP A 61 -7.47 -28.34 -1.39
C ASP A 61 -7.50 -28.59 -2.88
N ASP A 62 -6.77 -29.60 -3.36
CA ASP A 62 -6.80 -29.97 -4.77
C ASP A 62 -6.26 -28.81 -5.64
N VAL A 63 -4.95 -28.56 -5.54
CA VAL A 63 -4.28 -27.49 -6.25
C VAL A 63 -4.11 -27.94 -7.71
N PRO A 64 -4.37 -27.06 -8.69
CA PRO A 64 -4.23 -27.53 -10.07
C PRO A 64 -2.82 -28.08 -10.39
N VAL A 65 -1.78 -27.45 -9.85
CA VAL A 65 -0.44 -28.02 -9.87
C VAL A 65 0.04 -28.17 -8.42
N PRO A 66 0.10 -29.42 -7.92
CA PRO A 66 0.50 -29.58 -6.52
C PRO A 66 1.88 -29.03 -6.28
N GLY A 67 2.02 -28.27 -5.19
CA GLY A 67 3.28 -27.62 -4.87
C GLY A 67 3.29 -26.18 -5.30
N MET A 68 2.26 -25.74 -6.03
CA MET A 68 2.25 -24.39 -6.58
C MET A 68 1.20 -23.45 -5.99
N ALA A 69 0.56 -23.83 -4.88
CA ALA A 69 -0.37 -22.92 -4.20
C ALA A 69 0.39 -21.79 -3.47
N ILE A 70 -0.24 -20.64 -3.37
CA ILE A 70 0.31 -19.50 -2.67
C ILE A 70 -0.34 -19.44 -1.28
N SER A 71 0.49 -19.51 -0.23
CA SER A 71 0.04 -19.31 1.14
C SER A 71 0.27 -17.88 1.57
N PHE A 72 -0.61 -17.37 2.43
CA PHE A 72 -0.51 -15.99 2.89
C PHE A 72 -1.10 -15.80 4.28
N GLU A 73 -0.71 -14.70 4.91
CA GLU A 73 -1.30 -14.27 6.17
C GLU A 73 -2.29 -13.18 5.86
N ALA A 74 -3.07 -12.82 6.88
CA ALA A 74 -3.98 -11.70 6.79
C ALA A 74 -3.17 -10.43 6.54
N LYS A 75 -3.78 -9.49 5.81
CA LYS A 75 -3.15 -8.21 5.45
C LYS A 75 -1.96 -8.32 4.48
N ASP A 76 -1.76 -9.48 3.87
CA ASP A 76 -0.82 -9.62 2.75
C ASP A 76 -1.45 -9.09 1.45
N PHE A 77 -0.59 -8.75 0.48
CA PHE A 77 -1.05 -8.27 -0.82
C PHE A 77 -0.71 -9.29 -1.89
N LEU A 78 -1.67 -9.49 -2.79
CA LEU A 78 -1.54 -10.41 -3.92
C LEU A 78 -1.78 -9.67 -5.23
N HIS A 79 -0.95 -9.96 -6.23
CA HIS A 79 -1.17 -9.50 -7.59
C HIS A 79 -1.82 -10.64 -8.36
N VAL A 80 -2.99 -10.39 -8.92
CA VAL A 80 -3.72 -11.41 -9.67
C VAL A 80 -3.59 -11.14 -11.16
N LYS A 81 -3.14 -12.14 -11.91
CA LYS A 81 -2.97 -12.02 -13.36
C LYS A 81 -4.22 -12.50 -14.10
N GLU A 82 -4.72 -13.67 -13.70
CA GLU A 82 -5.88 -14.28 -14.36
C GLU A 82 -6.55 -15.39 -13.56
N LYS A 83 -7.65 -15.88 -14.12
CA LYS A 83 -8.44 -16.93 -13.52
C LYS A 83 -8.06 -18.24 -14.18
N PHE A 84 -7.80 -19.26 -13.36
CA PHE A 84 -7.64 -20.60 -13.87
C PHE A 84 -9.05 -21.27 -13.93
N ASN A 85 -9.78 -21.27 -12.83
CA ASN A 85 -11.21 -21.68 -12.80
C ASN A 85 -11.92 -21.01 -11.63
N ASN A 86 -13.13 -21.44 -11.30
CA ASN A 86 -13.88 -20.77 -10.23
C ASN A 86 -13.30 -20.98 -8.84
N ASP A 87 -12.46 -22.00 -8.67
CA ASP A 87 -11.80 -22.26 -7.39
C ASP A 87 -10.42 -21.57 -7.27
N TRP A 88 -9.78 -21.27 -8.40
CA TRP A 88 -8.37 -20.87 -8.39
C TRP A 88 -8.05 -19.70 -9.33
N TRP A 89 -7.40 -18.66 -8.79
CA TRP A 89 -6.76 -17.64 -9.62
C TRP A 89 -5.28 -17.93 -9.77
N ILE A 90 -4.64 -17.20 -10.70
CA ILE A 90 -3.19 -17.24 -10.88
C ILE A 90 -2.60 -15.87 -10.53
N GLY A 91 -1.61 -15.86 -9.64
CA GLY A 91 -0.96 -14.63 -9.27
C GLY A 91 0.18 -14.82 -8.31
N ARG A 92 0.61 -13.75 -7.65
CA ARG A 92 1.73 -13.83 -6.73
C ARG A 92 1.55 -12.94 -5.52
N LEU A 93 2.21 -13.34 -4.45
CA LEU A 93 2.38 -12.50 -3.28
C LEU A 93 3.29 -11.33 -3.63
N VAL A 94 2.95 -10.13 -3.15
CA VAL A 94 3.75 -8.95 -3.43
C VAL A 94 5.00 -8.94 -2.53
N LYS A 95 6.00 -9.70 -2.92
CA LYS A 95 7.20 -9.90 -2.11
C LYS A 95 8.33 -10.34 -3.02
N GLU A 96 9.52 -9.77 -2.87
CA GLU A 96 10.60 -10.14 -3.80
C GLU A 96 11.08 -11.56 -3.54
N GLY A 97 11.39 -12.26 -4.62
CA GLY A 97 11.60 -13.70 -4.54
C GLY A 97 10.36 -14.52 -4.83
N CYS A 98 9.18 -14.00 -4.51
CA CYS A 98 7.92 -14.71 -4.76
C CYS A 98 7.47 -14.61 -6.21
N GLU A 99 7.34 -15.78 -6.84
CA GLU A 99 6.92 -15.93 -8.23
C GLU A 99 5.48 -16.44 -8.25
N ILE A 100 4.86 -16.48 -9.44
CA ILE A 100 3.43 -16.79 -9.52
C ILE A 100 3.08 -18.21 -9.11
N GLY A 101 1.84 -18.36 -8.65
CA GLY A 101 1.30 -19.67 -8.37
C GLY A 101 -0.21 -19.59 -8.33
N PHE A 102 -0.82 -20.50 -7.58
CA PHE A 102 -2.28 -20.60 -7.52
C PHE A 102 -2.85 -19.99 -6.24
N ILE A 103 -3.76 -19.06 -6.42
CA ILE A 103 -4.41 -18.34 -5.34
C ILE A 103 -5.85 -18.84 -5.23
N PRO A 104 -6.27 -19.22 -4.01
CA PRO A 104 -7.66 -19.69 -3.87
C PRO A 104 -8.66 -18.54 -4.06
N SER A 105 -9.68 -18.78 -4.86
CA SER A 105 -10.73 -17.78 -5.10
C SER A 105 -11.54 -17.61 -3.82
N PRO A 106 -12.31 -16.51 -3.73
CA PRO A 106 -13.22 -16.29 -2.60
C PRO A 106 -14.29 -17.36 -2.46
N VAL A 107 -14.68 -17.93 -3.60
CA VAL A 107 -15.57 -19.09 -3.65
C VAL A 107 -14.92 -20.32 -3.00
N LYS A 108 -13.69 -20.63 -3.40
CA LYS A 108 -12.93 -21.71 -2.82
C LYS A 108 -12.83 -21.60 -1.29
N LEU A 109 -12.53 -20.40 -0.79
CA LEU A 109 -12.28 -20.22 0.64
C LEU A 109 -13.59 -20.31 1.42
N GLU A 110 -14.68 -19.75 0.86
CA GLU A 110 -16.01 -19.83 1.48
C GLU A 110 -16.56 -21.26 1.46
N ASN A 111 -16.31 -21.98 0.37
CA ASN A 111 -16.73 -23.38 0.29
C ASN A 111 -15.99 -24.32 1.23
N MET A 112 -14.80 -23.95 1.68
CA MET A 112 -14.13 -24.71 2.73
C MET A 112 -14.96 -24.61 4.01
N ARG A 113 -15.29 -23.39 4.41
CA ARG A 113 -16.19 -23.18 5.54
C ARG A 113 -17.52 -23.91 5.32
N LEU A 114 -18.16 -23.62 4.19
CA LEU A 114 -19.49 -24.14 3.87
C LEU A 114 -19.54 -25.66 3.84
N GLN A 115 -18.51 -26.26 3.27
CA GLN A 115 -18.34 -27.70 3.22
C GLN A 115 -18.25 -28.27 4.63
N HIS A 116 -17.42 -27.62 5.44
CA HIS A 116 -17.29 -27.94 6.85
C HIS A 116 -18.65 -27.86 7.63
N GLU A 117 -19.46 -26.86 7.28
CA GLU A 117 -20.76 -26.63 7.93
C GLU A 117 -21.87 -27.57 7.45
N GLN A 118 -21.90 -27.85 6.15
CA GLN A 118 -22.88 -28.79 5.58
C GLN A 118 -22.64 -30.22 6.06
N ARG A 119 -21.37 -30.56 6.28
CA ARG A 119 -21.01 -31.87 6.87
C ARG A 119 -21.27 -31.93 8.37
N ALA A 120 -21.12 -30.79 9.05
CA ALA A 120 -21.34 -30.69 10.50
C ALA A 120 -22.82 -30.80 10.92
N LYS A 121 -23.73 -30.31 10.06
CA LYS A 121 -25.18 -30.42 10.33
C LYS A 121 -25.71 -31.84 10.06
N GLN A 122 -25.02 -32.59 9.19
CA GLN A 122 -25.41 -33.98 8.87
C GLN A 122 -25.51 -34.88 10.10
N HIS A 138 -19.81 -10.98 8.55
CA HIS A 138 -19.39 -11.72 7.37
C HIS A 138 -18.29 -10.96 6.62
N THR A 139 -17.04 -11.39 6.81
CA THR A 139 -15.87 -10.75 6.20
C THR A 139 -15.45 -11.47 4.91
N PRO A 140 -15.52 -10.77 3.77
CA PRO A 140 -14.89 -11.25 2.54
C PRO A 140 -13.41 -11.58 2.78
N PRO A 141 -12.92 -12.66 2.15
CA PRO A 141 -11.52 -12.98 2.33
C PRO A 141 -10.59 -11.94 1.68
N TYR A 142 -11.06 -11.25 0.63
CA TYR A 142 -10.28 -10.25 -0.10
C TYR A 142 -11.00 -8.90 -0.27
N ASP A 143 -10.22 -7.83 -0.16
CA ASP A 143 -10.59 -6.51 -0.61
C ASP A 143 -9.83 -6.23 -1.89
N VAL A 144 -10.50 -5.71 -2.91
CA VAL A 144 -9.80 -5.25 -4.11
C VAL A 144 -9.11 -3.91 -3.77
N VAL A 145 -7.82 -3.80 -4.11
CA VAL A 145 -7.03 -2.61 -3.78
C VAL A 145 -6.23 -2.16 -5.01
N PRO A 146 -5.74 -0.91 -5.01
CA PRO A 146 -4.92 -0.48 -6.15
C PRO A 146 -3.73 -1.43 -6.34
N SER A 147 -3.37 -1.69 -7.60
CA SER A 147 -2.26 -2.62 -7.88
C SER A 147 -0.92 -2.15 -7.33
N MET A 148 -0.78 -0.84 -7.18
CA MET A 148 0.32 -0.25 -6.45
C MET A 148 -0.30 0.57 -5.36
N ARG A 149 0.10 0.31 -4.12
CA ARG A 149 -0.47 1.03 -3.00
C ARG A 149 -0.04 2.48 -3.14
N PRO A 150 -0.98 3.42 -3.05
CA PRO A 150 -0.60 4.82 -3.20
C PRO A 150 0.03 5.40 -1.92
N VAL A 151 0.98 6.30 -2.12
CA VAL A 151 1.74 6.88 -1.03
C VAL A 151 1.05 8.14 -0.59
N VAL A 152 0.76 8.18 0.70
CA VAL A 152 0.16 9.34 1.29
C VAL A 152 1.11 9.81 2.38
N LEU A 153 1.40 11.10 2.39
CA LEU A 153 2.26 11.69 3.42
C LEU A 153 1.41 12.35 4.49
N VAL A 154 1.69 12.06 5.76
CA VAL A 154 1.03 12.75 6.85
C VAL A 154 2.10 13.34 7.75
N GLY A 155 1.85 14.55 8.25
CA GLY A 155 2.81 15.25 9.10
C GLY A 155 3.73 16.21 8.35
N PRO A 156 4.57 16.94 9.09
CA PRO A 156 4.67 16.92 10.55
C PRO A 156 3.44 17.49 11.30
N SER A 157 2.72 18.40 10.66
CA SER A 157 1.53 19.03 11.24
C SER A 157 0.37 19.11 10.23
N LEU A 158 -0.38 20.21 10.18
CA LEU A 158 -1.56 20.30 9.30
C LEU A 158 -1.23 20.72 7.88
N LYS A 159 -1.70 19.94 6.91
CA LYS A 159 -1.66 20.37 5.52
C LYS A 159 -2.43 21.68 5.39
N GLY A 160 -1.97 22.55 4.50
CA GLY A 160 -2.60 23.84 4.30
C GLY A 160 -1.90 24.98 5.03
N TYR A 161 -0.96 24.64 5.91
CA TYR A 161 -0.08 25.64 6.50
C TYR A 161 1.35 25.40 6.01
N GLU A 162 2.19 26.43 6.07
CA GLU A 162 3.50 26.46 5.37
C GLU A 162 4.52 25.43 5.78
N VAL A 163 4.71 25.25 7.08
CA VAL A 163 5.67 24.24 7.57
C VAL A 163 5.37 22.89 6.94
N THR A 164 4.13 22.42 7.07
CA THR A 164 3.78 21.10 6.53
C THR A 164 3.77 21.06 5.01
N ASP A 165 3.23 22.11 4.38
CA ASP A 165 3.13 22.17 2.90
C ASP A 165 4.51 22.23 2.23
N MET A 166 5.47 22.93 2.85
CA MET A 166 6.80 23.11 2.27
C MET A 166 7.69 21.89 2.48
N MET A 167 7.68 21.33 3.68
CA MET A 167 8.42 20.09 3.92
C MET A 167 7.96 18.91 3.04
N GLN A 168 6.67 18.78 2.85
CA GLN A 168 6.12 17.74 1.97
C GLN A 168 6.45 18.00 0.52
N LYS A 169 6.30 19.25 0.09
CA LYS A 169 6.64 19.66 -1.26
C LYS A 169 8.09 19.30 -1.61
N ALA A 170 9.00 19.54 -0.67
CA ALA A 170 10.39 19.16 -0.91
C ALA A 170 10.53 17.67 -1.14
N LEU A 171 9.74 16.86 -0.44
CA LEU A 171 9.76 15.39 -0.63
C LEU A 171 9.14 14.98 -1.97
N PHE A 172 8.02 15.60 -2.35
CA PHE A 172 7.42 15.37 -3.66
C PHE A 172 8.40 15.70 -4.82
N ASP A 173 9.07 16.84 -4.71
CA ASP A 173 10.11 17.22 -5.67
C ASP A 173 11.23 16.18 -5.75
N PHE A 174 11.71 15.69 -4.60
CA PHE A 174 12.71 14.63 -4.62
C PHE A 174 12.27 13.36 -5.38
N LEU A 175 11.04 12.91 -5.10
CA LEU A 175 10.56 11.65 -5.65
C LEU A 175 10.35 11.75 -7.15
N LYS A 176 9.89 12.89 -7.60
CA LYS A 176 9.65 13.14 -9.03
C LYS A 176 10.94 13.04 -9.83
N HIS A 177 12.06 13.44 -9.22
CA HIS A 177 13.38 13.30 -9.84
C HIS A 177 13.99 11.89 -9.66
N ARG A 178 14.07 11.40 -8.43
CA ARG A 178 14.64 10.05 -8.18
C ARG A 178 13.94 8.96 -8.97
N PHE A 179 12.62 9.04 -9.10
CA PHE A 179 11.81 8.01 -9.73
C PHE A 179 11.20 8.47 -11.03
N GLU A 180 11.88 9.36 -11.75
CA GLU A 180 11.46 9.74 -13.09
C GLU A 180 11.29 8.51 -13.99
N GLY A 181 10.16 8.46 -14.69
CA GLY A 181 9.85 7.32 -15.55
C GLY A 181 9.06 6.21 -14.86
N ARG A 182 9.15 6.12 -13.53
CA ARG A 182 8.51 5.05 -12.78
C ARG A 182 7.44 5.55 -11.80
N ILE A 183 6.99 6.80 -11.95
CA ILE A 183 6.15 7.42 -10.90
C ILE A 183 5.07 8.36 -11.44
N SER A 184 3.89 8.31 -10.81
CA SER A 184 2.82 9.29 -11.04
C SER A 184 2.57 10.00 -9.73
N ILE A 185 2.67 11.32 -9.73
CA ILE A 185 2.31 12.12 -8.58
C ILE A 185 1.06 12.92 -8.93
N THR A 186 0.07 12.92 -8.03
CA THR A 186 -1.21 13.56 -8.32
C THR A 186 -1.76 14.28 -7.10
N ARG A 187 -2.42 15.42 -7.31
CA ARG A 187 -3.04 16.16 -6.23
C ARG A 187 -4.49 15.73 -6.09
N VAL A 188 -4.87 15.31 -4.90
CA VAL A 188 -6.26 14.92 -4.60
C VAL A 188 -6.87 15.96 -3.66
N THR A 189 -7.73 16.79 -4.20
CA THR A 189 -8.40 17.86 -3.44
C THR A 189 -9.68 17.37 -2.77
N ALA A 190 -10.36 16.41 -3.40
CA ALA A 190 -11.56 15.79 -2.84
C ALA A 190 -11.30 15.18 -1.46
N ASP A 191 -12.29 15.26 -0.55
CA ASP A 191 -12.18 14.64 0.76
C ASP A 191 -12.45 13.14 0.69
N ILE A 192 -11.41 12.41 0.25
CA ILE A 192 -11.46 10.96 0.06
C ILE A 192 -11.53 10.16 1.37
N SER A 193 -11.47 10.85 2.52
CA SER A 193 -11.75 10.21 3.80
C SER A 193 -13.22 9.81 3.86
N LEU A 194 -14.05 10.48 3.06
CA LEU A 194 -15.45 10.10 2.88
C LEU A 194 -15.66 8.95 1.90
N ALA A 195 -14.67 8.05 1.76
CA ALA A 195 -14.75 6.94 0.81
C ALA A 195 -14.79 5.58 1.52
N LYS A 196 -15.49 5.53 2.64
CA LYS A 196 -15.64 4.29 3.42
C LYS A 196 -16.66 3.36 2.76
N SER A 216 -22.86 14.74 -5.36
CA SER A 216 -22.09 15.98 -5.45
C SER A 216 -20.64 15.76 -4.97
N SER A 217 -20.47 15.66 -3.65
CA SER A 217 -19.17 15.29 -3.07
C SER A 217 -18.96 13.79 -3.25
N LEU A 218 -19.91 13.00 -2.77
CA LEU A 218 -19.83 11.54 -2.92
C LEU A 218 -19.53 11.13 -4.35
N ALA A 219 -20.05 11.88 -5.32
CA ALA A 219 -19.71 11.67 -6.73
C ALA A 219 -18.23 11.96 -7.04
N GLU A 220 -17.76 13.13 -6.62
CA GLU A 220 -16.35 13.54 -6.83
C GLU A 220 -15.38 12.58 -6.14
N VAL A 221 -15.73 12.14 -4.93
CA VAL A 221 -14.89 11.25 -4.14
C VAL A 221 -14.76 9.89 -4.81
N GLN A 222 -15.89 9.33 -5.23
CA GLN A 222 -15.92 8.03 -5.92
C GLN A 222 -15.17 8.09 -7.25
N SER A 223 -15.24 9.24 -7.91
CA SER A 223 -14.49 9.47 -9.14
C SER A 223 -12.97 9.49 -8.89
N GLU A 224 -12.55 10.22 -7.85
CA GLU A 224 -11.14 10.23 -7.45
C GLU A 224 -10.62 8.85 -7.04
N ILE A 225 -11.46 8.03 -6.42
CA ILE A 225 -11.05 6.66 -6.08
C ILE A 225 -10.82 5.86 -7.35
N GLU A 226 -11.71 5.97 -8.32
CA GLU A 226 -11.53 5.28 -9.60
C GLU A 226 -10.28 5.73 -10.34
N ARG A 227 -9.99 7.03 -10.29
CA ARG A 227 -8.80 7.56 -10.98
C ARG A 227 -7.51 7.06 -10.36
N ILE A 228 -7.49 6.95 -9.03
CA ILE A 228 -6.34 6.41 -8.31
C ILE A 228 -6.10 4.96 -8.68
N PHE A 229 -7.16 4.14 -8.66
CA PHE A 229 -7.05 2.74 -9.13
C PHE A 229 -6.46 2.67 -10.54
N GLU A 230 -6.90 3.58 -11.40
CA GLU A 230 -6.46 3.61 -12.80
C GLU A 230 -4.98 3.97 -12.93
N LEU A 231 -4.53 5.01 -12.25
CA LEU A 231 -3.11 5.38 -12.25
C LEU A 231 -2.21 4.21 -11.84
N ALA A 232 -2.67 3.44 -10.88
CA ALA A 232 -1.89 2.35 -10.32
C ALA A 232 -1.83 1.09 -11.19
N ARG A 233 -2.73 0.99 -12.16
CA ARG A 233 -2.92 -0.23 -12.94
C ARG A 233 -1.69 -0.55 -13.79
N THR A 234 -0.95 0.48 -14.20
CA THR A 234 0.27 0.28 -14.99
C THR A 234 1.51 -0.09 -14.15
N LEU A 235 1.35 -0.18 -12.83
CA LEU A 235 2.40 -0.65 -11.90
C LEU A 235 3.55 0.35 -11.75
N GLN A 236 3.25 1.62 -11.99
CA GLN A 236 4.12 2.73 -11.64
C GLN A 236 3.86 3.10 -10.18
N LEU A 237 4.85 3.69 -9.53
CA LEU A 237 4.65 4.17 -8.17
C LEU A 237 3.62 5.28 -8.23
N VAL A 238 2.63 5.20 -7.35
CA VAL A 238 1.62 6.26 -7.22
C VAL A 238 1.84 7.02 -5.90
N VAL A 239 1.80 8.34 -5.98
CA VAL A 239 1.99 9.22 -4.83
C VAL A 239 0.92 10.27 -4.83
N LEU A 240 0.13 10.33 -3.74
CA LEU A 240 -0.97 11.27 -3.62
C LEU A 240 -0.54 12.47 -2.80
N ASP A 241 -0.91 13.66 -3.28
CA ASP A 241 -0.88 14.86 -2.47
C ASP A 241 -2.32 15.11 -2.08
N ALA A 242 -2.74 14.40 -1.03
CA ALA A 242 -4.13 14.39 -0.59
C ALA A 242 -4.36 15.51 0.41
N ASP A 243 -4.94 16.61 -0.04
CA ASP A 243 -5.05 17.86 0.76
C ASP A 243 -5.78 17.70 2.10
N THR A 244 -6.77 16.80 2.16
CA THR A 244 -7.63 16.66 3.33
C THR A 244 -7.14 15.66 4.37
N ILE A 245 -6.09 14.89 4.06
CA ILE A 245 -5.66 13.79 4.93
C ILE A 245 -4.50 14.18 5.83
N ASN A 246 -4.80 14.32 7.13
CA ASN A 246 -3.81 14.66 8.16
C ASN A 246 -3.54 13.57 9.21
N HIS A 247 -4.29 12.46 9.13
CA HIS A 247 -4.24 11.38 10.13
C HIS A 247 -4.48 10.01 9.44
N PRO A 248 -3.73 8.97 9.84
CA PRO A 248 -3.94 7.65 9.20
C PRO A 248 -5.38 7.10 9.30
N ALA A 249 -6.07 7.40 10.41
CA ALA A 249 -7.47 6.96 10.59
C ALA A 249 -8.43 7.46 9.50
N GLN A 250 -8.12 8.61 8.88
CA GLN A 250 -8.98 9.15 7.82
C GLN A 250 -9.05 8.29 6.56
N LEU A 251 -8.13 7.35 6.37
CA LEU A 251 -8.17 6.45 5.22
C LEU A 251 -8.43 4.98 5.59
N SER A 252 -8.75 4.73 6.86
CA SER A 252 -8.90 3.35 7.37
C SER A 252 -9.96 2.55 6.63
N LYS A 253 -11.15 3.14 6.51
CA LYS A 253 -12.31 2.45 5.94
C LYS A 253 -12.34 2.43 4.39
N THR A 254 -11.41 3.15 3.76
CA THR A 254 -11.32 3.15 2.29
C THR A 254 -10.66 1.85 1.89
N SER A 255 -10.68 1.58 0.59
CA SER A 255 -9.97 0.45 0.03
C SER A 255 -8.79 0.94 -0.83
N LEU A 256 -8.22 2.08 -0.47
CA LEU A 256 -6.98 2.55 -1.09
C LEU A 256 -5.74 1.82 -0.61
N ALA A 257 -5.82 1.25 0.59
CA ALA A 257 -4.70 0.53 1.21
C ALA A 257 -3.36 1.25 1.04
N PRO A 258 -3.31 2.53 1.43
CA PRO A 258 -2.15 3.35 1.17
C PRO A 258 -0.89 2.95 1.93
N ILE A 259 0.26 3.29 1.35
CA ILE A 259 1.52 3.33 2.09
C ILE A 259 1.51 4.68 2.78
N ILE A 260 1.43 4.67 4.11
CA ILE A 260 1.34 5.91 4.87
C ILE A 260 2.73 6.27 5.35
N VAL A 261 3.13 7.51 5.06
CA VAL A 261 4.46 8.02 5.38
C VAL A 261 4.28 9.11 6.41
N TYR A 262 4.88 8.91 7.57
CA TYR A 262 4.76 9.86 8.68
C TYR A 262 6.01 10.72 8.64
N VAL A 263 5.86 11.98 8.27
CA VAL A 263 6.97 12.93 8.33
C VAL A 263 6.93 13.52 9.74
N LYS A 264 7.82 13.05 10.61
CA LYS A 264 7.75 13.31 12.03
C LYS A 264 8.86 14.26 12.54
N ILE A 265 8.45 15.41 13.09
CA ILE A 265 9.34 16.26 13.89
C ILE A 265 9.24 15.80 15.35
N SER A 266 10.30 15.15 15.85
CA SER A 266 10.26 14.51 17.17
C SER A 266 9.97 15.49 18.30
N SER A 267 10.57 16.68 18.22
CA SER A 267 10.43 17.67 19.28
C SER A 267 9.34 18.70 18.99
N PRO A 268 8.33 18.80 19.88
CA PRO A 268 7.34 19.87 19.77
C PRO A 268 7.92 21.28 19.85
N LYS A 269 9.04 21.46 20.57
CA LYS A 269 9.68 22.79 20.66
C LYS A 269 10.29 23.20 19.33
N VAL A 270 10.78 22.23 18.58
CA VAL A 270 11.34 22.49 17.26
C VAL A 270 10.25 22.95 16.31
N LEU A 271 9.15 22.20 16.28
CA LEU A 271 8.00 22.54 15.44
C LEU A 271 7.44 23.91 15.81
N GLN A 272 7.37 24.18 17.10
CA GLN A 272 6.89 25.48 17.59
C GLN A 272 7.73 26.62 16.99
N ARG A 273 9.05 26.43 17.01
CA ARG A 273 9.96 27.43 16.50
C ARG A 273 9.97 27.52 14.96
N LEU A 274 9.81 26.38 14.29
CA LEU A 274 9.68 26.39 12.83
C LEU A 274 8.45 27.16 12.39
N ILE A 275 7.32 26.94 13.07
CA ILE A 275 6.09 27.67 12.74
C ILE A 275 6.27 29.18 12.93
N LYS A 276 6.82 29.58 14.08
CA LYS A 276 7.07 30.99 14.35
C LYS A 276 8.03 31.59 13.31
N SER A 277 9.03 30.81 12.90
CA SER A 277 9.96 31.23 11.85
C SER A 277 9.25 31.67 10.56
N ARG A 278 8.01 31.24 10.36
CA ARG A 278 7.23 31.66 9.18
C ARG A 278 6.47 32.97 9.36
N GLY A 279 6.50 33.57 10.54
CA GLY A 279 5.87 34.87 10.75
C GLY A 279 4.49 34.82 11.36
N LYS A 280 3.91 36.01 11.55
CA LYS A 280 2.69 36.20 12.33
C LYS A 280 1.45 35.52 11.74
N SER A 281 1.25 35.61 10.43
CA SER A 281 0.09 34.96 9.79
C SER A 281 0.04 33.47 10.14
N GLN A 282 1.18 32.80 9.97
CA GLN A 282 1.30 31.38 10.24
C GLN A 282 1.36 31.09 11.73
N ALA A 283 2.02 31.97 12.48
CA ALA A 283 2.16 31.84 13.93
C ALA A 283 0.80 32.02 14.64
N LYS A 284 -0.11 32.75 14.00
CA LYS A 284 -1.47 32.96 14.49
C LYS A 284 -2.19 31.62 14.71
N HIS A 285 -1.92 30.67 13.82
CA HIS A 285 -2.54 29.35 13.89
C HIS A 285 -1.63 28.29 14.49
N LEU A 286 -0.78 28.70 15.43
CA LEU A 286 0.17 27.79 16.09
C LEU A 286 -0.51 26.62 16.79
N ASN A 287 -1.62 26.91 17.49
CA ASN A 287 -2.37 25.91 18.27
C ASN A 287 -2.91 24.72 17.47
N VAL A 288 -3.69 24.99 16.41
CA VAL A 288 -4.20 23.90 15.57
C VAL A 288 -3.06 23.06 15.04
N GLN A 289 -1.95 23.70 14.65
CA GLN A 289 -0.80 22.95 14.16
C GLN A 289 -0.18 22.03 15.24
N MET A 290 -0.07 22.52 16.48
CA MET A 290 0.53 21.73 17.55
C MET A 290 -0.27 20.46 17.92
N VAL A 291 -1.60 20.58 18.06
CA VAL A 291 -2.41 19.38 18.40
C VAL A 291 -2.47 18.39 17.25
N ALA A 292 -2.60 18.90 16.03
CA ALA A 292 -2.50 18.05 14.82
C ALA A 292 -1.21 17.22 14.86
N ALA A 293 -0.10 17.85 15.24
CA ALA A 293 1.16 17.14 15.43
C ALA A 293 1.13 16.15 16.61
N ASP A 294 0.51 16.53 17.73
CA ASP A 294 0.43 15.64 18.88
C ASP A 294 -0.39 14.38 18.58
N LYS A 295 -1.51 14.56 17.89
CA LYS A 295 -2.35 13.43 17.49
C LYS A 295 -1.60 12.39 16.69
N LEU A 296 -0.76 12.82 15.74
CA LEU A 296 0.08 11.89 14.99
C LEU A 296 1.05 11.14 15.90
N ALA A 297 1.65 11.87 16.85
CA ALA A 297 2.62 11.28 17.78
C ALA A 297 2.00 10.26 18.75
N GLN A 298 0.69 10.35 18.97
CA GLN A 298 -0.01 9.36 19.80
C GLN A 298 -0.49 8.11 19.07
N CYS A 299 -0.34 8.07 17.75
CA CYS A 299 -0.72 6.88 16.98
C CYS A 299 0.22 5.71 17.29
N PRO A 300 -0.34 4.51 17.50
CA PRO A 300 0.53 3.33 17.60
C PRO A 300 1.24 3.02 16.26
N PRO A 301 2.59 3.13 16.24
CA PRO A 301 3.36 3.22 14.99
C PRO A 301 3.22 2.01 14.06
N GLN A 302 3.52 0.82 14.56
CA GLN A 302 3.39 -0.41 13.76
C GLN A 302 1.97 -0.63 13.23
N GLU A 303 0.97 -0.08 13.89
CA GLU A 303 -0.43 -0.18 13.41
C GLU A 303 -0.82 0.91 12.41
N SER A 304 -0.22 2.11 12.52
CA SER A 304 -0.67 3.29 11.79
C SER A 304 0.16 3.73 10.58
N PHE A 305 1.43 3.31 10.51
CA PHE A 305 2.39 3.85 9.54
C PHE A 305 3.24 2.80 8.89
N ASP A 306 3.52 3.00 7.61
CA ASP A 306 4.40 2.12 6.86
C ASP A 306 5.82 2.65 6.91
N VAL A 307 5.98 3.96 6.88
CA VAL A 307 7.30 4.59 6.93
C VAL A 307 7.24 5.78 7.88
N ILE A 308 8.26 5.91 8.72
CA ILE A 308 8.37 7.06 9.60
C ILE A 308 9.69 7.77 9.28
N LEU A 309 9.57 9.01 8.81
CA LEU A 309 10.72 9.85 8.50
C LEU A 309 10.90 10.84 9.65
N ASP A 310 11.79 10.53 10.57
CA ASP A 310 12.06 11.43 11.71
C ASP A 310 13.44 12.08 11.62
N GLU A 311 14.06 11.97 10.44
CA GLU A 311 15.40 12.55 10.18
C GLU A 311 15.24 14.04 10.00
N ASN A 312 16.13 14.80 10.63
CA ASN A 312 16.03 16.25 10.57
C ASN A 312 16.69 16.84 9.34
N GLN A 313 17.40 16.03 8.55
CA GLN A 313 17.98 16.51 7.31
C GLN A 313 17.20 15.93 6.13
N LEU A 314 16.89 16.78 5.15
CA LEU A 314 16.09 16.41 3.98
C LEU A 314 16.69 15.25 3.18
N GLU A 315 18.00 15.26 2.99
CA GLU A 315 18.66 14.20 2.21
C GLU A 315 18.49 12.85 2.86
N ASP A 316 18.50 12.82 4.20
CA ASP A 316 18.42 11.55 4.92
C ASP A 316 16.99 11.01 4.88
N ALA A 317 16.02 11.91 5.08
CA ALA A 317 14.60 11.60 4.94
C ALA A 317 14.28 11.11 3.53
N CYS A 318 14.84 11.78 2.52
CA CYS A 318 14.63 11.42 1.13
C CYS A 318 15.18 10.05 0.85
N GLU A 319 16.38 9.77 1.33
CA GLU A 319 17.01 8.48 1.05
C GLU A 319 16.37 7.31 1.82
N HIS A 320 15.88 7.59 3.02
CA HIS A 320 15.09 6.61 3.78
C HIS A 320 13.84 6.23 2.95
N LEU A 321 13.06 7.21 2.57
CA LEU A 321 11.91 6.99 1.70
C LEU A 321 12.23 6.29 0.38
N ALA A 322 13.33 6.69 -0.28
CA ALA A 322 13.72 6.10 -1.54
C ALA A 322 14.08 4.63 -1.40
N ASP A 323 14.75 4.28 -0.30
CA ASP A 323 15.05 2.89 0.01
C ASP A 323 13.79 2.05 0.12
N TYR A 324 12.83 2.54 0.90
CA TYR A 324 11.55 1.85 1.07
C TYR A 324 10.85 1.65 -0.28
N LEU A 325 10.68 2.71 -1.05
CA LEU A 325 10.02 2.62 -2.38
C LEU A 325 10.73 1.76 -3.41
N GLU A 326 12.07 1.76 -3.39
CA GLU A 326 12.82 0.83 -4.24
C GLU A 326 12.61 -0.64 -3.85
N ALA A 327 12.49 -0.89 -2.56
CA ALA A 327 12.17 -2.23 -2.07
C ALA A 327 10.76 -2.62 -2.50
N TYR A 328 9.82 -1.67 -2.43
CA TYR A 328 8.43 -1.89 -2.88
C TYR A 328 8.35 -2.12 -4.39
N TRP A 329 9.18 -1.41 -5.14
CA TRP A 329 9.28 -1.62 -6.57
C TRP A 329 9.73 -3.04 -6.91
N LYS A 330 10.74 -3.54 -6.20
CA LYS A 330 11.23 -4.91 -6.41
C LYS A 330 10.20 -5.97 -6.05
N ALA A 331 9.46 -5.74 -4.96
CA ALA A 331 8.38 -6.63 -4.55
C ALA A 331 7.28 -6.69 -5.63
N THR A 332 6.95 -5.53 -6.23
CA THR A 332 5.89 -5.43 -7.22
C THR A 332 6.35 -5.73 -8.64
N HIS A 333 7.66 -5.88 -8.85
CA HIS A 333 8.24 -6.12 -10.17
C HIS A 333 9.27 -7.24 -10.14
N PRO A 334 8.80 -8.49 -10.15
CA PRO A 334 9.74 -9.59 -10.15
C PRO A 334 10.53 -9.66 -11.47
N PRO A 335 11.71 -10.33 -11.48
CA PRO A 335 12.34 -10.69 -12.75
C PRO A 335 11.76 -11.98 -13.36
N SER A 336 10.52 -12.33 -13.03
CA SER A 336 9.88 -13.57 -13.49
C SER A 336 8.69 -13.25 -14.39
N CYS B 1 26.60 22.57 20.77
CA CYS B 1 25.24 23.16 20.93
C CYS B 1 24.19 22.08 21.12
N SER B 2 22.96 22.48 21.46
CA SER B 2 21.91 21.52 21.81
C SER B 2 21.41 20.74 20.60
N PRO B 3 20.90 19.53 20.84
CA PRO B 3 20.15 18.76 19.83
C PRO B 3 18.98 19.52 19.21
N LEU B 4 18.34 20.41 19.96
CA LEU B 4 17.17 21.12 19.47
C LEU B 4 17.54 22.17 18.41
N GLU B 5 18.61 22.92 18.64
CA GLU B 5 19.08 23.93 17.67
C GLU B 5 19.53 23.28 16.37
N CYS B 6 20.13 22.10 16.50
CA CYS B 6 20.59 21.31 15.38
C CYS B 6 19.39 20.83 14.53
N ASP B 7 18.44 20.13 15.15
CA ASP B 7 17.21 19.72 14.45
C ASP B 7 16.60 20.90 13.70
N LEU B 8 16.46 22.01 14.42
CA LEU B 8 15.80 23.20 13.89
C LEU B 8 16.43 23.66 12.59
N LYS B 9 17.77 23.65 12.54
CA LYS B 9 18.47 24.17 11.38
C LYS B 9 18.33 23.18 10.24
N GLY B 10 18.39 21.89 10.54
CA GLY B 10 18.05 20.84 9.59
C GLY B 10 16.74 21.10 8.87
N TYR B 11 15.68 21.36 9.65
CA TYR B 11 14.33 21.60 9.11
C TYR B 11 14.15 22.98 8.48
N LEU B 12 14.88 23.97 8.96
CA LEU B 12 14.86 25.27 8.29
C LEU B 12 15.48 25.15 6.89
N ASP B 13 16.56 24.39 6.76
CA ASP B 13 17.18 24.13 5.45
C ASP B 13 16.25 23.31 4.54
N TRP B 14 15.60 22.31 5.13
CA TRP B 14 14.60 21.49 4.43
C TRP B 14 13.55 22.42 3.80
N ILE B 15 13.06 23.36 4.59
CA ILE B 15 12.00 24.27 4.16
C ILE B 15 12.47 25.22 3.07
N THR B 16 13.71 25.70 3.16
CA THR B 16 14.24 26.60 2.14
C THR B 16 14.28 25.93 0.75
N GLN B 17 14.46 24.62 0.70
CA GLN B 17 14.49 23.92 -0.57
C GLN B 17 13.17 23.94 -1.32
N ALA B 18 12.07 24.10 -0.59
CA ALA B 18 10.76 24.20 -1.17
C ALA B 18 10.44 25.62 -1.67
N GLU B 19 11.22 26.60 -1.24
CA GLU B 19 10.95 28.02 -1.58
C GLU B 19 11.06 28.29 -3.07
#